data_9REJ
#
_entry.id   9REJ
#
_cell.length_a   51.862
_cell.length_b   71.568
_cell.length_c   97.596
_cell.angle_alpha   90.000
_cell.angle_beta   90.000
_cell.angle_gamma   90.000
#
_symmetry.space_group_name_H-M   'P 21 21 21'
#
loop_
_entity.id
_entity.type
_entity.pdbx_description
1 polymer 'cAMP-dependent protein kinase catalytic subunit alpha'
2 non-polymer 'DIMETHYL SULFOXIDE'
3 non-polymer 1-ethyl-3-[[(4~{S})-8-fluoranyl-3,4-dihydro-1~{H}-[1,4]oxazino[4,3-a]benzimidazol-4-yl]methyl]urea
4 water water
#
_entity_poly.entity_id   1
_entity_poly.type   'polypeptide(L)'
_entity_poly.pdbx_seq_one_letter_code
;GHMGNAAAAKKGSEQESVKEFLAKAKEEFLKKWESPSQNTAQLDHFDRIKTLGTGSFGRVMLVKHKETGNHYAMKILDKQ
KVVKLKQIEHTLNEKRILQAVNFPFLVKLEFSFKDNSNLYMVMEYVPGGEMFSHLRRIGRF(SEP)EPHARFYAAQIVLT
FEYLHSLDLIYRDLKPENLLIDQQGYIQVTDFGFAKRVKGRTW(TPO)LCGTPEYLAPEIILSKGYNKAVDWWALGVLIY
EMAAGYPPFFADQPIQIYEKIVSGKVRFPSHFSSDLKDLLRNLLQVDLTKRFGNLKNGVNDIKNHKWFATTDWIAIYQRK
VEAPFIPKFKGPGDTSNFDDYEEEEIRV(SEP)INEKCGKEFTEF
;
_entity_poly.pdbx_strand_id   A
#
loop_
_chem_comp.id
_chem_comp.type
_chem_comp.name
_chem_comp.formula
A1JEM non-polymer 1-ethyl-3-[[(4~{S})-8-fluoranyl-3,4-dihydro-1~{H}-[1,4]oxazino[4,3-a]benzimidazol-4-yl]methyl]urea 'C14 H17 F N4 O2'
DMS non-polymer 'DIMETHYL SULFOXIDE' 'C2 H6 O S'
#
# COMPACT_ATOMS: atom_id res chain seq x y z
N GLU A 14 19.69 11.88 -8.34
CA GLU A 14 19.28 12.65 -7.17
C GLU A 14 20.34 13.71 -6.80
N GLN A 15 19.92 14.88 -6.33
CA GLN A 15 20.93 15.81 -5.83
C GLN A 15 21.37 15.36 -4.44
N GLU A 16 22.47 15.94 -3.98
CA GLU A 16 23.04 15.58 -2.68
C GLU A 16 22.00 15.76 -1.60
N SER A 17 21.10 16.74 -1.73
CA SER A 17 20.17 16.92 -0.61
C SER A 17 19.24 15.74 -0.49
N VAL A 18 18.88 15.10 -1.62
CA VAL A 18 18.07 13.89 -1.61
C VAL A 18 18.86 12.71 -1.09
N LYS A 19 20.12 12.59 -1.52
CA LYS A 19 20.99 11.55 -1.00
C LYS A 19 21.12 11.67 0.51
N GLU A 20 21.29 12.89 1.02
CA GLU A 20 21.46 13.07 2.46
C GLU A 20 20.17 12.79 3.20
N PHE A 21 19.03 13.17 2.61
CA PHE A 21 17.74 12.85 3.19
C PHE A 21 17.59 11.34 3.33
N LEU A 22 17.92 10.59 2.27
CA LEU A 22 17.72 9.14 2.29
C LEU A 22 18.71 8.48 3.23
N ALA A 23 19.91 9.04 3.38
CA ALA A 23 20.85 8.45 4.34
C ALA A 23 20.29 8.60 5.74
N LYS A 24 19.78 9.79 6.08
CA LYS A 24 19.16 9.99 7.40
C LYS A 24 17.94 9.09 7.56
N ALA A 25 17.12 8.98 6.50
CA ALA A 25 15.92 8.16 6.61
C ALA A 25 16.28 6.72 6.92
N LYS A 26 17.37 6.23 6.34
CA LYS A 26 17.78 4.85 6.60
C LYS A 26 18.32 4.68 8.02
N GLU A 27 19.10 5.64 8.53
CA GLU A 27 19.55 5.58 9.92
C GLU A 27 18.36 5.52 10.89
N GLU A 28 17.35 6.35 10.64
CA GLU A 28 16.20 6.41 11.55
C GLU A 28 15.38 5.13 11.47
N PHE A 29 15.20 4.59 10.27
CA PHE A 29 14.51 3.31 10.09
C PHE A 29 15.25 2.19 10.81
N LEU A 30 16.57 2.10 10.63
CA LEU A 30 17.30 0.99 11.22
C LEU A 30 17.24 1.02 12.74
N LYS A 31 17.29 2.20 13.34
CA LYS A 31 17.23 2.25 14.81
C LYS A 31 15.91 1.65 15.31
N LYS A 32 14.79 2.01 14.70
CA LYS A 32 13.50 1.42 15.11
C LYS A 32 13.37 -0.03 14.69
N TRP A 33 13.91 -0.39 13.52
CA TRP A 33 13.89 -1.77 13.05
C TRP A 33 14.60 -2.71 14.02
N GLU A 34 15.71 -2.27 14.59
N GLU A 34 15.71 -2.26 14.61
CA GLU A 34 16.48 -3.14 15.46
CA GLU A 34 16.52 -3.10 15.46
C GLU A 34 15.87 -3.23 16.84
C GLU A 34 16.03 -3.13 16.89
N SER A 35 15.06 -2.24 17.26
N SER A 35 15.11 -2.24 17.27
CA SER A 35 14.50 -2.22 18.60
CA SER A 35 14.51 -2.26 18.60
C SER A 35 13.02 -1.88 18.52
C SER A 35 13.06 -1.86 18.43
N PRO A 36 12.20 -2.81 18.03
CA PRO A 36 10.80 -2.45 17.74
C PRO A 36 10.00 -2.13 18.98
N SER A 37 9.11 -1.14 18.83
CA SER A 37 8.15 -0.91 19.91
C SER A 37 7.14 -2.05 20.01
N GLN A 38 6.68 -2.30 21.24
CA GLN A 38 5.73 -3.37 21.51
C GLN A 38 4.77 -2.89 22.57
N ASN A 39 3.52 -3.35 22.49
CA ASN A 39 2.61 -3.30 23.65
C ASN A 39 2.34 -1.89 24.14
N THR A 40 1.94 -1.01 23.23
CA THR A 40 1.83 0.40 23.54
C THR A 40 0.37 0.87 23.72
N ALA A 41 -0.58 -0.05 23.73
CA ALA A 41 -1.96 0.29 24.09
C ALA A 41 -2.65 -1.01 24.55
N GLN A 42 -3.96 -0.91 24.85
CA GLN A 42 -4.75 -2.12 25.12
C GLN A 42 -6.17 -1.92 24.64
N LEU A 43 -6.91 -3.02 24.46
CA LEU A 43 -8.20 -2.94 23.77
C LEU A 43 -9.23 -2.12 24.53
N ASP A 44 -9.28 -2.26 25.85
CA ASP A 44 -10.30 -1.52 26.61
C ASP A 44 -9.98 -0.04 26.79
N HIS A 45 -8.95 0.48 26.13
CA HIS A 45 -8.75 1.92 26.04
C HIS A 45 -9.52 2.51 24.88
N PHE A 46 -10.22 1.68 24.08
CA PHE A 46 -10.91 2.14 22.88
C PHE A 46 -12.37 1.69 22.90
N ASP A 47 -13.22 2.52 22.31
CA ASP A 47 -14.59 2.15 21.97
C ASP A 47 -14.63 1.68 20.52
N ARG A 48 -15.42 0.65 20.26
CA ARG A 48 -15.65 0.13 18.92
C ARG A 48 -16.72 0.99 18.24
N ILE A 49 -16.43 1.49 17.04
CA ILE A 49 -17.44 2.31 16.32
C ILE A 49 -18.07 1.56 15.15
N LYS A 50 -17.24 1.05 14.22
CA LYS A 50 -17.81 0.48 12.98
C LYS A 50 -16.74 -0.34 12.29
N THR A 51 -17.16 -1.36 11.52
CA THR A 51 -16.20 -2.06 10.67
C THR A 51 -15.97 -1.28 9.38
N LEU A 52 -14.70 -0.99 9.09
CA LEU A 52 -14.33 -0.26 7.89
C LEU A 52 -13.96 -1.17 6.73
N GLY A 53 -13.53 -2.41 7.01
CA GLY A 53 -13.15 -3.35 5.95
C GLY A 53 -12.86 -4.70 6.56
N THR A 54 -12.92 -5.76 5.74
N THR A 54 -13.01 -5.77 5.80
CA THR A 54 -12.72 -7.11 6.28
CA THR A 54 -12.73 -7.10 6.31
C THR A 54 -11.87 -7.99 5.36
C THR A 54 -12.27 -7.93 5.11
N GLY A 55 -11.51 -9.17 5.89
N GLY A 55 -11.15 -8.63 5.27
CA GLY A 55 -10.71 -10.15 5.17
CA GLY A 55 -10.56 -9.37 4.18
C GLY A 55 -10.73 -11.54 5.77
C GLY A 55 -9.44 -10.25 4.68
N SER A 56 -9.80 -12.38 5.27
N SER A 56 -8.54 -10.65 3.77
CA SER A 56 -9.74 -13.80 5.65
CA SER A 56 -7.39 -11.46 4.17
C SER A 56 -9.25 -14.02 7.07
C SER A 56 -6.45 -10.69 5.08
N PHE A 57 -8.35 -13.19 7.59
N PHE A 57 -6.49 -9.35 5.02
CA PHE A 57 -7.86 -13.40 8.94
CA PHE A 57 -5.71 -8.52 5.92
C PHE A 57 -7.95 -12.16 9.81
C PHE A 57 -6.25 -8.48 7.34
N GLY A 58 -8.50 -11.07 9.28
N GLY A 58 -7.40 -9.09 7.63
CA GLY A 58 -8.58 -9.83 10.00
CA GLY A 58 -8.01 -9.02 8.95
C GLY A 58 -9.67 -8.91 9.52
C GLY A 58 -9.30 -8.25 8.92
N ARG A 59 -9.66 -7.71 10.09
CA ARG A 59 -10.76 -6.77 10.09
C ARG A 59 -10.15 -5.42 10.43
N VAL A 60 -10.63 -4.35 9.82
CA VAL A 60 -10.22 -3.01 10.21
C VAL A 60 -11.44 -2.30 10.78
N MET A 61 -11.29 -1.77 11.98
CA MET A 61 -12.37 -1.13 12.71
C MET A 61 -12.09 0.35 12.92
N LEU A 62 -13.10 1.19 12.78
CA LEU A 62 -12.99 2.55 13.32
C LEU A 62 -13.17 2.45 14.84
N VAL A 63 -12.26 3.05 15.57
CA VAL A 63 -12.30 3.07 17.02
C VAL A 63 -12.12 4.49 17.51
N LYS A 64 -12.51 4.72 18.77
CA LYS A 64 -12.28 6.01 19.42
C LYS A 64 -11.53 5.75 20.71
N HIS A 65 -10.41 6.44 20.88
CA HIS A 65 -9.70 6.35 22.15
C HIS A 65 -10.50 7.06 23.23
N LYS A 66 -10.79 6.35 24.34
CA LYS A 66 -11.74 6.87 25.31
C LYS A 66 -11.22 8.12 26.00
N GLU A 67 -9.92 8.19 26.31
CA GLU A 67 -9.48 9.34 27.08
C GLU A 67 -9.27 10.58 26.21
N THR A 68 -8.76 10.41 24.99
CA THR A 68 -8.45 11.59 24.17
C THR A 68 -9.57 11.96 23.22
N GLY A 69 -10.46 11.03 22.91
CA GLY A 69 -11.46 11.19 21.89
C GLY A 69 -10.96 11.01 20.48
N ASN A 70 -9.68 10.71 20.28
CA ASN A 70 -9.17 10.60 18.91
C ASN A 70 -9.67 9.32 18.23
N HIS A 71 -9.90 9.41 16.94
CA HIS A 71 -10.29 8.26 16.14
C HIS A 71 -9.08 7.63 15.50
N TYR A 72 -9.16 6.30 15.35
CA TYR A 72 -8.11 5.53 14.70
C TYR A 72 -8.72 4.41 13.90
N ALA A 73 -7.94 3.84 12.99
CA ALA A 73 -8.33 2.61 12.28
C ALA A 73 -7.54 1.45 12.89
N MET A 74 -8.22 0.54 13.55
CA MET A 74 -7.57 -0.56 14.23
C MET A 74 -7.69 -1.83 13.40
N LYS A 75 -6.56 -2.38 12.95
CA LYS A 75 -6.55 -3.63 12.23
C LYS A 75 -6.37 -4.76 13.23
N ILE A 76 -7.28 -5.72 13.18
CA ILE A 76 -7.31 -6.81 14.16
C ILE A 76 -7.11 -8.11 13.40
N LEU A 77 -6.12 -8.89 13.79
CA LEU A 77 -5.83 -10.18 13.17
C LEU A 77 -6.03 -11.29 14.19
N ASP A 78 -6.74 -12.35 13.82
CA ASP A 78 -6.94 -13.50 14.70
C ASP A 78 -5.72 -14.41 14.58
N LYS A 79 -5.00 -14.60 15.71
CA LYS A 79 -3.73 -15.36 15.65
C LYS A 79 -3.93 -16.75 15.07
N GLN A 80 -4.97 -17.46 15.51
CA GLN A 80 -5.17 -18.82 15.02
C GLN A 80 -5.39 -18.84 13.52
N LYS A 81 -6.08 -17.82 12.98
CA LYS A 81 -6.29 -17.77 11.53
C LYS A 81 -5.02 -17.40 10.79
N VAL A 82 -4.22 -16.51 11.39
CA VAL A 82 -2.91 -16.16 10.79
C VAL A 82 -2.06 -17.41 10.64
N VAL A 83 -1.99 -18.22 11.70
CA VAL A 83 -1.22 -19.46 11.65
C VAL A 83 -1.77 -20.40 10.57
N LYS A 84 -3.09 -20.61 10.56
CA LYS A 84 -3.68 -21.56 9.63
C LYS A 84 -3.46 -21.13 8.18
N LEU A 85 -3.57 -19.84 7.89
CA LEU A 85 -3.31 -19.31 6.55
C LEU A 85 -1.83 -19.07 6.25
N LYS A 86 -0.94 -19.53 7.11
CA LYS A 86 0.51 -19.46 6.86
C LYS A 86 0.99 -18.02 6.64
N GLN A 87 0.44 -17.09 7.43
CA GLN A 87 0.80 -15.70 7.37
C GLN A 87 1.62 -15.22 8.58
N ILE A 88 2.26 -16.11 9.34
CA ILE A 88 2.97 -15.64 10.54
C ILE A 88 4.08 -14.67 10.20
N GLU A 89 5.00 -15.08 9.31
CA GLU A 89 6.11 -14.20 8.96
C GLU A 89 5.62 -12.91 8.33
N HIS A 90 4.61 -12.97 7.45
CA HIS A 90 4.08 -11.74 6.84
C HIS A 90 3.52 -10.80 7.89
N THR A 91 2.80 -11.32 8.89
N THR A 91 2.81 -11.36 8.87
CA THR A 91 2.26 -10.37 9.88
CA THR A 91 2.23 -10.52 9.92
C THR A 91 3.34 -9.81 10.79
C THR A 91 3.30 -9.85 10.78
N LEU A 92 4.39 -10.59 11.10
CA LEU A 92 5.50 -10.01 11.85
C LEU A 92 6.24 -8.97 11.01
N ASN A 93 6.42 -9.23 9.71
CA ASN A 93 7.00 -8.22 8.80
C ASN A 93 6.18 -6.94 8.86
N GLU A 94 4.85 -7.07 8.73
CA GLU A 94 3.99 -5.89 8.60
C GLU A 94 4.16 -4.97 9.80
N LYS A 95 4.10 -5.54 11.02
CA LYS A 95 4.17 -4.70 12.19
C LYS A 95 5.58 -4.15 12.41
N ARG A 96 6.62 -4.97 12.17
CA ARG A 96 7.97 -4.50 12.41
C ARG A 96 8.32 -3.37 11.42
N ILE A 97 7.88 -3.49 10.16
CA ILE A 97 8.14 -2.43 9.20
C ILE A 97 7.35 -1.17 9.57
N LEU A 98 6.05 -1.32 9.84
CA LEU A 98 5.24 -0.12 10.06
C LEU A 98 5.71 0.66 11.27
N GLN A 99 6.17 -0.01 12.33
CA GLN A 99 6.62 0.78 13.47
C GLN A 99 7.95 1.47 13.20
N ALA A 100 8.65 1.12 12.10
CA ALA A 100 9.96 1.70 11.82
C ALA A 100 9.97 2.73 10.70
N VAL A 101 8.91 2.86 9.87
CA VAL A 101 8.94 3.77 8.73
C VAL A 101 8.32 5.11 9.09
N ASN A 102 8.58 6.10 8.23
CA ASN A 102 8.09 7.45 8.47
C ASN A 102 8.18 8.16 7.11
N PHE A 103 7.02 8.45 6.49
CA PHE A 103 7.08 9.15 5.20
C PHE A 103 5.73 9.84 4.98
N PRO A 104 5.67 10.96 4.24
CA PRO A 104 4.39 11.70 4.20
C PRO A 104 3.23 10.93 3.61
N PHE A 105 3.48 9.94 2.75
CA PHE A 105 2.44 9.22 2.04
C PHE A 105 2.25 7.81 2.57
N LEU A 106 2.71 7.53 3.80
CA LEU A 106 2.46 6.23 4.43
C LEU A 106 1.55 6.45 5.64
N VAL A 107 0.48 5.65 5.77
CA VAL A 107 -0.33 5.73 6.98
C VAL A 107 0.55 5.40 8.20
N LYS A 108 0.40 6.19 9.27
N LYS A 108 0.39 6.19 9.26
CA LYS A 108 1.22 6.05 10.47
CA LYS A 108 1.15 6.02 10.48
C LYS A 108 0.62 5.07 11.47
C LYS A 108 0.56 4.95 11.39
N LEU A 109 1.44 4.12 11.92
CA LEU A 109 1.11 3.23 13.04
C LEU A 109 1.27 4.02 14.32
N GLU A 110 0.20 4.09 15.12
CA GLU A 110 0.17 4.83 16.37
C GLU A 110 0.39 3.94 17.57
N PHE A 111 -0.18 2.75 17.58
CA PHE A 111 0.01 1.81 18.70
C PHE A 111 -0.03 0.40 18.16
N SER A 112 0.48 -0.55 18.95
CA SER A 112 0.25 -1.97 18.62
C SER A 112 0.22 -2.73 19.91
N PHE A 113 -0.46 -3.88 19.90
CA PHE A 113 -0.52 -4.72 21.08
C PHE A 113 -1.11 -6.06 20.67
N LYS A 114 -1.07 -7.02 21.58
CA LYS A 114 -1.67 -8.32 21.35
C LYS A 114 -2.37 -8.75 22.64
N ASP A 115 -3.23 -9.74 22.50
CA ASP A 115 -3.89 -10.33 23.67
C ASP A 115 -3.96 -11.84 23.46
N ASN A 116 -4.76 -12.52 24.29
CA ASN A 116 -4.78 -13.97 24.17
C ASN A 116 -5.15 -14.43 22.77
N SER A 117 -5.99 -13.68 22.06
CA SER A 117 -6.52 -14.16 20.79
C SER A 117 -6.01 -13.41 19.56
N ASN A 118 -5.76 -12.12 19.64
CA ASN A 118 -5.61 -11.30 18.43
C ASN A 118 -4.33 -10.47 18.49
N LEU A 119 -3.97 -9.96 17.30
CA LEU A 119 -2.95 -8.93 17.14
C LEU A 119 -3.64 -7.65 16.69
N TYR A 120 -3.13 -6.52 17.16
CA TYR A 120 -3.80 -5.24 16.91
C TYR A 120 -2.76 -4.22 16.40
N MET A 121 -3.08 -3.55 15.31
CA MET A 121 -2.29 -2.42 14.82
C MET A 121 -3.22 -1.23 14.74
N VAL A 122 -2.94 -0.18 15.52
CA VAL A 122 -3.82 1.00 15.58
C VAL A 122 -3.18 2.07 14.72
N MET A 123 -3.83 2.40 13.61
N MET A 123 -3.85 2.45 13.64
CA MET A 123 -3.30 3.28 12.57
CA MET A 123 -3.29 3.38 12.66
C MET A 123 -4.05 4.61 12.63
C MET A 123 -4.12 4.64 12.63
N GLU A 124 -3.47 5.64 12.04
N GLU A 124 -3.51 5.70 12.10
CA GLU A 124 -4.22 6.86 11.80
CA GLU A 124 -4.28 6.91 11.84
C GLU A 124 -5.46 6.49 10.98
C GLU A 124 -5.44 6.60 10.92
N TYR A 125 -6.58 7.21 11.23
CA TYR A 125 -7.77 7.01 10.41
C TYR A 125 -7.81 8.07 9.31
N VAL A 126 -7.95 7.63 8.06
CA VAL A 126 -7.96 8.49 6.88
C VAL A 126 -9.38 8.50 6.34
N PRO A 127 -10.22 9.51 6.63
N PRO A 127 -10.09 9.62 6.47
CA PRO A 127 -11.66 9.37 6.31
CA PRO A 127 -11.55 9.61 6.32
C PRO A 127 -12.03 9.50 4.84
C PRO A 127 -12.03 9.76 4.90
N GLY A 128 -11.14 9.97 3.97
CA GLY A 128 -11.53 10.19 2.57
C GLY A 128 -11.84 8.94 1.79
N GLY A 129 -11.56 7.76 2.33
CA GLY A 129 -11.87 6.53 1.64
C GLY A 129 -10.73 6.05 0.76
N GLU A 130 -10.95 4.90 0.14
CA GLU A 130 -9.99 4.32 -0.77
C GLU A 130 -10.03 4.97 -2.14
N MET A 131 -8.86 5.07 -2.78
N MET A 131 -8.87 5.07 -2.77
CA MET A 131 -8.80 5.54 -4.16
CA MET A 131 -8.83 5.58 -4.14
C MET A 131 -9.72 4.72 -5.02
C MET A 131 -9.65 4.70 -5.08
N PHE A 132 -9.76 3.41 -4.76
CA PHE A 132 -10.59 2.50 -5.54
C PHE A 132 -12.03 2.99 -5.70
N SER A 133 -12.66 3.39 -4.58
N SER A 133 -12.68 3.38 -4.61
CA SER A 133 -14.04 3.87 -4.63
CA SER A 133 -14.09 3.76 -4.74
C SER A 133 -14.14 5.10 -5.49
C SER A 133 -14.23 5.06 -5.47
N HIS A 134 -13.21 6.05 -5.32
N HIS A 134 -13.28 5.99 -5.31
CA HIS A 134 -13.31 7.29 -6.08
CA HIS A 134 -13.40 7.22 -6.08
C HIS A 134 -13.09 7.07 -7.56
C HIS A 134 -13.19 6.96 -7.57
N LEU A 135 -12.16 6.18 -7.89
CA LEU A 135 -11.91 5.82 -9.28
C LEU A 135 -13.13 5.14 -9.93
N ARG A 136 -13.71 4.15 -9.23
N ARG A 136 -13.76 4.20 -9.21
CA ARG A 136 -14.86 3.47 -9.82
CA ARG A 136 -14.91 3.51 -9.78
C ARG A 136 -16.03 4.42 -10.00
C ARG A 136 -16.15 4.39 -9.81
N ARG A 137 -16.24 5.34 -9.04
N ARG A 137 -16.25 5.38 -8.91
CA ARG A 137 -17.37 6.26 -9.12
CA ARG A 137 -17.33 6.35 -9.03
C ARG A 137 -17.23 7.24 -10.27
C ARG A 137 -17.19 7.16 -10.31
N ILE A 138 -16.03 7.76 -10.52
CA ILE A 138 -15.88 8.72 -11.63
C ILE A 138 -15.57 8.07 -12.97
N GLY A 139 -15.08 6.84 -12.97
CA GLY A 139 -14.78 6.12 -14.18
C GLY A 139 -13.27 6.07 -14.40
N ARG A 140 -12.67 7.20 -14.75
CA ARG A 140 -11.23 7.27 -14.90
C ARG A 140 -10.79 8.66 -14.49
N PHE A 141 -9.51 8.77 -14.16
CA PHE A 141 -8.88 10.05 -13.83
C PHE A 141 -8.22 10.65 -15.06
N SEP A 142 -8.25 11.99 -15.15
CA SEP A 142 -7.46 12.67 -16.18
CB SEP A 142 -7.71 14.17 -16.11
OG SEP A 142 -7.10 14.68 -14.91
C SEP A 142 -5.98 12.34 -15.99
O SEP A 142 -5.56 11.98 -14.90
P SEP A 142 -7.56 16.21 -14.47
O1P SEP A 142 -9.14 16.16 -14.16
O2P SEP A 142 -6.76 16.53 -13.12
O3P SEP A 142 -7.28 17.16 -15.66
N GLU A 143 -5.17 12.59 -17.00
CA GLU A 143 -3.75 12.31 -16.83
C GLU A 143 -3.12 13.14 -15.69
N PRO A 144 -3.43 14.45 -15.60
CA PRO A 144 -2.85 15.22 -14.49
C PRO A 144 -3.24 14.66 -13.13
N HIS A 145 -4.49 14.18 -13.01
CA HIS A 145 -4.94 13.65 -11.73
C HIS A 145 -4.24 12.33 -11.42
N ALA A 146 -4.16 11.45 -12.42
CA ALA A 146 -3.43 10.20 -12.23
C ALA A 146 -1.97 10.48 -11.90
N ARG A 147 -1.38 11.51 -12.56
CA ARG A 147 0.03 11.86 -12.34
C ARG A 147 0.29 12.35 -10.93
N PHE A 148 -0.63 13.12 -10.38
CA PHE A 148 -0.48 13.59 -8.99
C PHE A 148 -0.34 12.40 -8.03
N TYR A 149 -1.23 11.43 -8.16
CA TYR A 149 -1.15 10.25 -7.30
C TYR A 149 0.08 9.41 -7.62
N ALA A 150 0.37 9.22 -8.91
CA ALA A 150 1.54 8.42 -9.29
C ALA A 150 2.82 9.01 -8.70
N ALA A 151 2.96 10.34 -8.73
CA ALA A 151 4.16 10.99 -8.20
C ALA A 151 4.36 10.64 -6.74
N GLN A 152 3.26 10.60 -5.96
CA GLN A 152 3.39 10.23 -4.55
C GLN A 152 3.84 8.79 -4.39
N ILE A 153 3.33 7.88 -5.25
CA ILE A 153 3.80 6.50 -5.20
C ILE A 153 5.27 6.40 -5.59
N VAL A 154 5.70 7.14 -6.63
CA VAL A 154 7.12 7.10 -7.00
C VAL A 154 8.01 7.50 -5.84
N LEU A 155 7.66 8.59 -5.15
CA LEU A 155 8.47 9.03 -4.01
C LEU A 155 8.43 8.00 -2.89
N THR A 156 7.26 7.42 -2.65
CA THR A 156 7.11 6.46 -1.57
C THR A 156 7.93 5.22 -1.86
N PHE A 157 7.94 4.75 -3.13
CA PHE A 157 8.76 3.57 -3.47
C PHE A 157 10.25 3.91 -3.46
N GLU A 158 10.61 5.14 -3.85
CA GLU A 158 12.03 5.54 -3.70
C GLU A 158 12.47 5.43 -2.24
N TYR A 159 11.62 5.93 -1.32
CA TYR A 159 11.87 5.81 0.11
C TYR A 159 11.97 4.35 0.54
N LEU A 160 10.92 3.57 0.25
CA LEU A 160 10.89 2.18 0.76
C LEU A 160 12.05 1.37 0.19
N HIS A 161 12.28 1.49 -1.13
CA HIS A 161 13.36 0.71 -1.74
C HIS A 161 14.73 1.10 -1.18
N SER A 162 14.93 2.37 -0.83
CA SER A 162 16.23 2.76 -0.25
C SER A 162 16.47 2.11 1.11
N LEU A 163 15.40 1.70 1.82
CA LEU A 163 15.50 0.98 3.07
C LEU A 163 15.54 -0.52 2.85
N ASP A 164 15.65 -0.96 1.59
CA ASP A 164 15.63 -2.38 1.26
C ASP A 164 14.27 -3.01 1.48
N LEU A 165 13.18 -2.24 1.41
CA LEU A 165 11.84 -2.78 1.60
C LEU A 165 11.14 -2.90 0.25
N ILE A 166 10.46 -4.01 0.04
CA ILE A 166 9.58 -4.21 -1.11
C ILE A 166 8.15 -4.17 -0.58
N TYR A 167 7.27 -3.46 -1.29
CA TYR A 167 5.92 -3.25 -0.76
C TYR A 167 4.97 -4.39 -1.14
N ARG A 168 4.91 -4.74 -2.44
CA ARG A 168 4.25 -5.95 -2.96
C ARG A 168 2.73 -5.94 -2.84
N ASP A 169 2.08 -4.85 -2.52
CA ASP A 169 0.63 -4.93 -2.55
C ASP A 169 0.01 -3.67 -3.14
N LEU A 170 0.65 -3.05 -4.13
CA LEU A 170 0.07 -1.86 -4.72
C LEU A 170 -1.21 -2.18 -5.51
N LYS A 171 -2.27 -1.47 -5.18
CA LYS A 171 -3.56 -1.57 -5.85
C LYS A 171 -4.39 -0.42 -5.34
N PRO A 172 -5.48 -0.04 -6.05
CA PRO A 172 -6.21 1.16 -5.63
C PRO A 172 -6.89 1.05 -4.28
N GLU A 173 -7.24 -0.16 -3.84
CA GLU A 173 -7.86 -0.32 -2.52
C GLU A 173 -6.92 0.07 -1.40
N ASN A 174 -5.62 0.01 -1.62
CA ASN A 174 -4.66 0.25 -0.55
C ASN A 174 -4.19 1.69 -0.49
N LEU A 175 -4.77 2.59 -1.28
CA LEU A 175 -4.33 3.98 -1.30
C LEU A 175 -5.47 4.79 -0.73
N LEU A 176 -5.33 5.33 0.45
CA LEU A 176 -6.41 6.11 1.07
C LEU A 176 -6.22 7.57 0.74
N ILE A 177 -7.31 8.31 0.62
N ILE A 177 -7.31 8.31 0.62
CA ILE A 177 -7.24 9.73 0.29
CA ILE A 177 -7.24 9.74 0.28
C ILE A 177 -7.49 10.53 1.56
C ILE A 177 -7.50 10.55 1.54
N ASP A 178 -6.57 11.44 1.88
CA ASP A 178 -6.64 12.19 3.10
C ASP A 178 -7.41 13.51 2.92
N GLN A 179 -7.51 14.27 4.00
N GLN A 179 -7.48 14.29 3.98
CA GLN A 179 -8.30 15.49 3.94
CA GLN A 179 -8.29 15.51 3.97
C GLN A 179 -7.79 16.47 2.88
C GLN A 179 -7.72 16.63 3.11
N GLN A 180 -6.48 16.50 2.66
CA GLN A 180 -5.86 17.42 1.70
C GLN A 180 -5.87 16.85 0.28
N GLY A 181 -6.44 15.65 0.10
CA GLY A 181 -6.49 15.01 -1.21
C GLY A 181 -5.21 14.26 -1.55
N TYR A 182 -4.30 14.07 -0.59
CA TYR A 182 -3.06 13.30 -0.82
C TYR A 182 -3.27 11.83 -0.46
N ILE A 183 -2.35 11.00 -0.93
N ILE A 183 -2.46 10.97 -1.05
CA ILE A 183 -2.37 9.55 -0.69
CA ILE A 183 -2.58 9.53 -0.80
C ILE A 183 -1.81 9.20 0.68
C ILE A 183 -1.80 9.15 0.43
N GLN A 184 -2.38 8.14 1.25
N GLN A 184 -2.38 8.25 1.22
CA GLN A 184 -1.82 7.47 2.43
CA GLN A 184 -1.64 7.53 2.23
C GLN A 184 -1.82 5.97 2.11
C GLN A 184 -1.78 6.04 1.96
N VAL A 185 -0.63 5.38 1.85
CA VAL A 185 -0.57 3.96 1.53
C VAL A 185 -0.77 3.15 2.80
N THR A 186 -1.65 2.16 2.73
CA THR A 186 -1.92 1.27 3.85
C THR A 186 -1.77 -0.18 3.41
N ASP A 187 -1.79 -1.08 4.39
CA ASP A 187 -1.69 -2.53 4.20
C ASP A 187 -0.26 -2.93 3.83
N PHE A 188 0.53 -3.11 4.86
CA PHE A 188 1.89 -3.63 4.75
C PHE A 188 1.96 -5.13 4.96
N GLY A 189 0.85 -5.84 4.73
CA GLY A 189 0.81 -7.28 4.99
C GLY A 189 1.77 -8.11 4.15
N PHE A 190 2.16 -7.61 2.96
CA PHE A 190 3.14 -8.32 2.14
C PHE A 190 4.46 -7.59 2.07
N ALA A 191 4.64 -6.51 2.80
CA ALA A 191 5.92 -5.79 2.71
C ALA A 191 7.02 -6.61 3.41
N LYS A 192 8.25 -6.51 2.90
CA LYS A 192 9.34 -7.35 3.41
C LYS A 192 10.65 -6.61 3.21
N ARG A 193 11.55 -6.77 4.18
CA ARG A 193 12.92 -6.27 3.99
C ARG A 193 13.73 -7.33 3.27
N VAL A 194 14.25 -6.98 2.09
CA VAL A 194 14.86 -7.90 1.13
C VAL A 194 16.08 -7.20 0.58
N LYS A 195 17.28 -7.74 0.80
N LYS A 195 17.26 -7.75 0.87
CA LYS A 195 18.42 -7.02 0.19
CA LYS A 195 18.45 -7.55 0.07
C LYS A 195 18.80 -7.55 -1.19
C LYS A 195 18.63 -8.77 -0.83
N GLY A 196 18.20 -8.66 -1.63
N GLY A 196 18.57 -8.53 -2.12
CA GLY A 196 18.37 -9.21 -2.94
CA GLY A 196 18.73 -9.58 -3.09
C GLY A 196 17.05 -9.75 -3.46
C GLY A 196 17.42 -9.86 -3.76
N ARG A 197 16.92 -11.07 -3.53
CA ARG A 197 15.68 -11.60 -4.10
C ARG A 197 14.80 -12.24 -3.02
N THR A 198 13.53 -12.42 -3.39
CA THR A 198 12.59 -13.11 -2.53
C THR A 198 11.68 -13.92 -3.43
N TRP A 199 10.92 -14.84 -2.83
CA TRP A 199 10.25 -15.87 -3.63
C TRP A 199 8.73 -16.04 -3.39
N TPO A 200 8.15 -15.38 -2.39
CA TPO A 200 6.75 -15.73 -2.04
CB TPO A 200 6.34 -15.11 -0.69
CG2 TPO A 200 4.98 -15.59 -0.22
OG1 TPO A 200 7.29 -15.47 0.29
P TPO A 200 8.22 -14.25 0.91
O1P TPO A 200 7.28 -13.36 1.68
O2P TPO A 200 9.25 -14.92 1.74
O3P TPO A 200 8.81 -13.53 -0.27
C TPO A 200 5.75 -15.32 -3.12
O TPO A 200 5.77 -14.15 -3.57
N LEU A 201 4.77 -16.17 -3.39
CA LEU A 201 3.67 -15.79 -4.27
C LEU A 201 2.66 -15.01 -3.44
N CYS A 202 2.56 -13.72 -3.71
CA CYS A 202 1.62 -12.85 -3.00
C CYS A 202 1.36 -11.63 -3.86
N GLY A 203 0.18 -11.04 -3.64
N GLY A 203 0.29 -10.95 -3.54
CA GLY A 203 -0.30 -9.89 -4.40
CA GLY A 203 -0.14 -9.80 -4.28
C GLY A 203 -1.62 -10.15 -5.13
C GLY A 203 -1.57 -10.01 -4.68
N THR A 204 -2.35 -9.08 -5.50
N THR A 204 -1.98 -9.33 -5.74
CA THR A 204 -3.57 -9.37 -6.23
CA THR A 204 -3.34 -9.38 -6.23
C THR A 204 -3.29 -9.65 -7.70
C THR A 204 -3.26 -9.61 -7.73
N PRO A 205 -4.09 -10.53 -8.32
CA PRO A 205 -3.78 -11.01 -9.68
C PRO A 205 -3.50 -9.94 -10.72
N GLU A 206 -4.34 -8.90 -10.80
CA GLU A 206 -4.16 -7.94 -11.86
C GLU A 206 -2.86 -7.16 -11.75
N TYR A 207 -2.22 -7.13 -10.59
CA TYR A 207 -1.04 -6.32 -10.32
C TYR A 207 0.23 -7.12 -10.27
N LEU A 208 0.18 -8.45 -10.45
CA LEU A 208 1.39 -9.27 -10.30
C LEU A 208 2.33 -9.11 -11.48
N ALA A 209 3.62 -8.95 -11.19
CA ALA A 209 4.62 -8.91 -12.25
C ALA A 209 4.80 -10.31 -12.82
N PRO A 210 5.29 -10.40 -14.06
CA PRO A 210 5.49 -11.73 -14.66
C PRO A 210 6.40 -12.61 -13.87
N GLU A 211 7.48 -12.06 -13.28
CA GLU A 211 8.41 -12.90 -12.56
C GLU A 211 7.80 -13.50 -11.30
N ILE A 212 6.75 -12.88 -10.70
CA ILE A 212 6.02 -13.52 -9.60
C ILE A 212 5.21 -14.70 -10.15
N ILE A 213 4.46 -14.45 -11.24
CA ILE A 213 3.62 -15.50 -11.82
C ILE A 213 4.47 -16.70 -12.24
N LEU A 214 5.69 -16.45 -12.75
CA LEU A 214 6.57 -17.52 -13.21
C LEU A 214 7.40 -18.16 -12.08
N SER A 215 7.13 -17.77 -10.85
N SER A 215 7.12 -17.82 -10.83
CA SER A 215 7.76 -18.40 -9.69
CA SER A 215 7.78 -18.46 -9.66
C SER A 215 9.28 -18.28 -9.76
C SER A 215 9.29 -18.23 -9.62
N LYS A 216 9.74 -17.07 -10.07
CA LYS A 216 11.16 -16.77 -10.05
C LYS A 216 11.51 -16.07 -8.74
N GLY A 217 12.80 -16.00 -8.47
CA GLY A 217 13.30 -15.08 -7.46
C GLY A 217 13.16 -13.66 -7.98
N TYR A 218 12.51 -12.81 -7.23
CA TYR A 218 12.22 -11.48 -7.74
C TYR A 218 12.66 -10.40 -6.74
N ASN A 219 12.63 -9.15 -7.18
CA ASN A 219 13.20 -8.06 -6.38
C ASN A 219 12.27 -6.85 -6.47
N LYS A 220 12.82 -5.69 -6.12
CA LYS A 220 12.00 -4.50 -6.00
C LYS A 220 11.39 -4.07 -7.33
N ALA A 221 11.89 -4.61 -8.44
CA ALA A 221 11.29 -4.29 -9.75
C ALA A 221 9.82 -4.64 -9.80
N VAL A 222 9.34 -5.58 -8.98
CA VAL A 222 7.92 -5.91 -9.04
C VAL A 222 7.06 -4.72 -8.61
N ASP A 223 7.57 -3.85 -7.73
CA ASP A 223 6.80 -2.67 -7.33
C ASP A 223 6.70 -1.68 -8.48
N TRP A 224 7.75 -1.57 -9.35
CA TRP A 224 7.67 -0.65 -10.50
C TRP A 224 6.71 -1.18 -11.55
N TRP A 225 6.66 -2.52 -11.72
CA TRP A 225 5.65 -3.11 -12.58
C TRP A 225 4.27 -2.73 -12.07
N ALA A 226 4.04 -2.95 -10.77
CA ALA A 226 2.71 -2.64 -10.22
C ALA A 226 2.35 -1.18 -10.39
N LEU A 227 3.34 -0.26 -10.30
CA LEU A 227 3.05 1.16 -10.57
C LEU A 227 2.55 1.36 -11.99
N GLY A 228 3.16 0.65 -12.97
CA GLY A 228 2.64 0.72 -14.35
C GLY A 228 1.18 0.27 -14.42
N VAL A 229 0.82 -0.81 -13.70
CA VAL A 229 -0.57 -1.27 -13.73
C VAL A 229 -1.46 -0.23 -13.11
N LEU A 230 -1.03 0.36 -11.96
CA LEU A 230 -1.84 1.39 -11.29
C LEU A 230 -2.05 2.60 -12.18
N ILE A 231 -0.98 3.11 -12.79
CA ILE A 231 -1.16 4.30 -13.64
C ILE A 231 -2.10 3.99 -14.80
N TYR A 232 -1.90 2.84 -15.46
CA TYR A 232 -2.83 2.43 -16.52
C TYR A 232 -4.25 2.42 -16.00
N GLU A 233 -4.49 1.74 -14.85
CA GLU A 233 -5.87 1.65 -14.37
C GLU A 233 -6.44 3.01 -13.98
N MET A 234 -5.65 3.91 -13.37
CA MET A 234 -6.17 5.23 -13.06
C MET A 234 -6.56 5.97 -14.33
N ALA A 235 -5.75 5.87 -15.39
CA ALA A 235 -6.00 6.70 -16.57
C ALA A 235 -7.01 6.06 -17.52
N ALA A 236 -7.17 4.72 -17.47
CA ALA A 236 -8.14 4.03 -18.34
C ALA A 236 -9.46 3.73 -17.65
N GLY A 237 -9.40 3.45 -16.35
CA GLY A 237 -10.58 3.01 -15.60
C GLY A 237 -10.65 1.51 -15.43
N TYR A 238 -9.74 0.75 -16.00
CA TYR A 238 -9.68 -0.70 -15.88
C TYR A 238 -8.21 -1.08 -16.03
N PRO A 239 -7.82 -2.26 -15.57
CA PRO A 239 -6.38 -2.59 -15.58
C PRO A 239 -5.97 -3.20 -16.91
N PRO A 240 -4.67 -3.17 -17.22
CA PRO A 240 -4.21 -3.50 -18.57
C PRO A 240 -4.35 -4.97 -18.95
N PHE A 241 -4.35 -5.89 -17.97
CA PHE A 241 -4.39 -7.31 -18.28
C PHE A 241 -5.70 -7.93 -17.85
N PHE A 242 -6.76 -7.09 -17.80
CA PHE A 242 -8.06 -7.56 -17.33
C PHE A 242 -8.53 -8.81 -18.08
N ALA A 243 -9.02 -9.79 -17.32
CA ALA A 243 -9.74 -10.91 -17.89
C ALA A 243 -10.63 -11.47 -16.77
N ASP A 244 -11.55 -12.39 -17.14
CA ASP A 244 -12.54 -12.87 -16.18
C ASP A 244 -11.97 -13.78 -15.10
N GLN A 245 -10.94 -14.56 -15.40
CA GLN A 245 -10.42 -15.50 -14.42
C GLN A 245 -8.92 -15.29 -14.28
N PRO A 246 -8.36 -15.61 -13.09
CA PRO A 246 -6.90 -15.44 -12.90
C PRO A 246 -6.04 -16.08 -13.96
N ILE A 247 -6.30 -17.31 -14.40
CA ILE A 247 -5.38 -17.94 -15.36
C ILE A 247 -5.29 -17.10 -16.63
N GLN A 248 -6.40 -16.50 -17.04
CA GLN A 248 -6.39 -15.67 -18.25
C GLN A 248 -5.67 -14.36 -17.99
N ILE A 249 -5.82 -13.79 -16.78
CA ILE A 249 -5.06 -12.59 -16.45
C ILE A 249 -3.57 -12.90 -16.53
N TYR A 250 -3.15 -14.04 -15.95
CA TYR A 250 -1.73 -14.38 -15.89
C TYR A 250 -1.16 -14.60 -17.29
N GLU A 251 -1.94 -15.23 -18.17
CA GLU A 251 -1.51 -15.40 -19.55
C GLU A 251 -1.27 -14.04 -20.22
N LYS A 252 -2.16 -13.08 -20.00
CA LYS A 252 -1.95 -11.76 -20.58
C LYS A 252 -0.72 -11.07 -20.01
N ILE A 253 -0.53 -11.14 -18.68
CA ILE A 253 0.63 -10.50 -18.07
C ILE A 253 1.92 -11.02 -18.66
N VAL A 254 2.06 -12.34 -18.80
CA VAL A 254 3.35 -12.87 -19.23
C VAL A 254 3.57 -12.70 -20.73
N SER A 255 2.50 -12.59 -21.49
N SER A 255 2.58 -12.22 -21.48
CA SER A 255 2.64 -12.21 -22.87
CA SER A 255 2.64 -12.25 -22.96
C SER A 255 3.08 -10.77 -22.96
C SER A 255 3.62 -11.23 -23.59
N GLY A 256 2.68 -9.96 -21.97
N GLY A 256 3.94 -10.13 -22.90
CA GLY A 256 3.08 -8.57 -21.93
CA GLY A 256 4.71 -9.06 -23.51
C GLY A 256 2.39 -7.71 -22.95
C GLY A 256 3.94 -8.07 -24.37
N LYS A 257 1.57 -8.28 -23.81
N LYS A 257 2.62 -8.18 -24.45
CA LYS A 257 0.92 -7.45 -24.82
CA LYS A 257 1.80 -7.23 -25.18
C LYS A 257 -0.07 -6.54 -24.12
C LYS A 257 0.86 -6.50 -24.22
N VAL A 258 0.14 -5.24 -24.28
N VAL A 258 0.44 -5.29 -24.62
CA VAL A 258 -0.62 -4.22 -23.58
CA VAL A 258 -0.53 -4.47 -23.90
C VAL A 258 -1.22 -3.31 -24.64
C VAL A 258 -1.27 -3.63 -24.95
N ARG A 259 -2.54 -3.28 -24.68
CA ARG A 259 -3.28 -2.42 -25.59
C ARG A 259 -3.58 -1.13 -24.85
N PHE A 260 -3.35 -0.02 -25.46
CA PHE A 260 -3.60 1.24 -24.81
C PHE A 260 -4.82 1.91 -25.43
N PRO A 261 -5.68 2.53 -24.62
CA PRO A 261 -6.74 3.37 -25.20
C PRO A 261 -6.14 4.48 -26.06
N SER A 262 -6.85 4.82 -27.14
CA SER A 262 -6.38 5.89 -28.01
C SER A 262 -6.33 7.23 -27.27
N HIS A 263 -7.13 7.41 -26.21
CA HIS A 263 -7.05 8.70 -25.55
C HIS A 263 -5.77 8.88 -24.72
N PHE A 264 -5.00 7.82 -24.45
CA PHE A 264 -3.73 8.00 -23.73
C PHE A 264 -2.78 8.89 -24.55
N SER A 265 -2.07 9.80 -23.86
CA SER A 265 -1.02 10.55 -24.53
C SER A 265 0.14 9.66 -24.96
N SER A 266 0.89 10.15 -25.93
CA SER A 266 2.08 9.42 -26.35
C SER A 266 3.07 9.27 -25.22
N ASP A 267 3.24 10.31 -24.39
CA ASP A 267 4.19 10.18 -23.26
C ASP A 267 3.70 9.16 -22.25
N LEU A 268 2.39 9.12 -21.98
CA LEU A 268 1.87 8.11 -21.06
C LEU A 268 2.16 6.70 -21.60
N LYS A 269 1.84 6.47 -22.89
CA LYS A 269 2.12 5.16 -23.48
C LYS A 269 3.60 4.80 -23.35
N ASP A 270 4.50 5.73 -23.63
CA ASP A 270 5.90 5.41 -23.54
C ASP A 270 6.30 5.03 -22.12
N LEU A 271 5.87 5.81 -21.11
CA LEU A 271 6.18 5.48 -19.72
C LEU A 271 5.66 4.10 -19.38
N LEU A 272 4.42 3.80 -19.78
CA LEU A 272 3.82 2.52 -19.40
C LEU A 272 4.51 1.35 -20.09
N ARG A 273 4.98 1.52 -21.34
CA ARG A 273 5.68 0.41 -21.98
C ARG A 273 6.98 0.11 -21.23
N ASN A 274 7.58 1.13 -20.61
CA ASN A 274 8.82 0.93 -19.87
C ASN A 274 8.61 0.39 -18.46
N LEU A 275 7.48 0.70 -17.83
CA LEU A 275 7.15 0.11 -16.53
C LEU A 275 6.62 -1.30 -16.70
N LEU A 276 5.79 -1.51 -17.73
CA LEU A 276 5.19 -2.83 -18.00
C LEU A 276 6.09 -3.64 -18.91
N GLN A 277 7.37 -3.59 -18.66
CA GLN A 277 8.35 -4.38 -19.41
C GLN A 277 8.45 -5.76 -18.76
N VAL A 278 8.18 -6.81 -19.52
CA VAL A 278 8.16 -8.16 -18.94
C VAL A 278 9.54 -8.59 -18.49
N ASP A 279 10.61 -8.13 -19.17
CA ASP A 279 11.96 -8.47 -18.76
C ASP A 279 12.38 -7.52 -17.65
N LEU A 280 12.51 -8.05 -16.42
CA LEU A 280 12.75 -7.18 -15.29
C LEU A 280 14.08 -6.43 -15.41
N THR A 281 15.05 -6.97 -16.19
CA THR A 281 16.35 -6.32 -16.33
C THR A 281 16.26 -5.12 -17.26
N LYS A 282 15.10 -4.90 -17.91
CA LYS A 282 14.90 -3.75 -18.81
C LYS A 282 13.84 -2.78 -18.30
N ARG A 283 13.33 -3.03 -17.12
CA ARG A 283 12.15 -2.33 -16.60
C ARG A 283 12.58 -1.02 -15.93
N PHE A 284 11.90 0.10 -16.26
CA PHE A 284 12.14 1.35 -15.58
C PHE A 284 11.98 1.20 -14.08
N GLY A 285 12.85 1.89 -13.36
CA GLY A 285 12.99 1.72 -11.93
C GLY A 285 14.09 0.73 -11.57
N ASN A 286 14.46 -0.17 -12.50
CA ASN A 286 15.40 -1.24 -12.24
C ASN A 286 16.64 -1.16 -13.13
N LEU A 287 16.89 -0.02 -13.78
CA LEU A 287 18.07 0.16 -14.61
C LEU A 287 19.14 0.87 -13.78
N LYS A 288 20.28 1.10 -14.42
CA LYS A 288 21.39 1.77 -13.73
C LYS A 288 20.96 3.08 -13.05
N ASN A 289 20.09 3.86 -13.70
CA ASN A 289 19.70 5.15 -13.14
C ASN A 289 18.55 5.03 -12.16
N GLY A 290 18.07 3.81 -11.89
CA GLY A 290 17.08 3.59 -10.85
C GLY A 290 15.84 4.47 -11.06
N VAL A 291 15.35 5.06 -9.96
CA VAL A 291 14.11 5.82 -9.99
C VAL A 291 14.22 7.04 -10.91
N ASN A 292 15.43 7.50 -11.22
CA ASN A 292 15.52 8.74 -11.97
C ASN A 292 15.04 8.57 -13.41
N ASP A 293 15.06 7.35 -13.97
CA ASP A 293 14.46 7.15 -15.29
C ASP A 293 12.97 7.43 -15.27
N ILE A 294 12.32 7.17 -14.14
CA ILE A 294 10.90 7.49 -14.01
C ILE A 294 10.71 8.97 -13.77
N LYS A 295 11.43 9.53 -12.79
CA LYS A 295 11.19 10.91 -12.41
C LYS A 295 11.51 11.87 -13.55
N ASN A 296 12.48 11.50 -14.42
CA ASN A 296 12.89 12.37 -15.53
C ASN A 296 12.12 12.09 -16.81
N HIS A 297 11.18 11.15 -16.78
CA HIS A 297 10.42 10.84 -17.99
C HIS A 297 9.53 12.03 -18.38
N LYS A 298 9.36 12.24 -19.69
N LYS A 298 9.38 12.21 -19.69
CA LYS A 298 8.55 13.36 -20.15
CA LYS A 298 8.54 13.29 -20.22
C LYS A 298 7.11 13.36 -19.61
C LYS A 298 7.16 13.35 -19.56
N TRP A 299 6.53 12.20 -19.25
CA TRP A 299 5.18 12.27 -18.69
C TRP A 299 5.17 13.02 -17.36
N PHE A 300 6.29 13.02 -16.63
CA PHE A 300 6.40 13.70 -15.35
C PHE A 300 7.02 15.09 -15.50
N ALA A 301 7.17 15.64 -16.75
CA ALA A 301 7.91 16.89 -16.88
C ALA A 301 7.31 18.03 -16.06
N THR A 302 5.99 18.06 -15.86
CA THR A 302 5.35 19.16 -15.12
C THR A 302 5.36 18.92 -13.61
N THR A 303 5.87 17.78 -13.15
CA THR A 303 5.82 17.46 -11.73
C THR A 303 6.96 18.13 -10.98
N ASP A 304 6.61 18.84 -9.92
CA ASP A 304 7.57 19.47 -9.02
C ASP A 304 7.69 18.50 -7.84
N TRP A 305 8.73 17.67 -7.89
CA TRP A 305 8.88 16.57 -6.93
C TRP A 305 9.00 17.10 -5.50
N ILE A 306 9.72 18.21 -5.30
CA ILE A 306 9.84 18.79 -3.96
C ILE A 306 8.47 19.26 -3.46
N ALA A 307 7.74 19.98 -4.30
CA ALA A 307 6.44 20.49 -3.91
C ALA A 307 5.49 19.34 -3.55
N ILE A 308 5.54 18.23 -4.29
CA ILE A 308 4.70 17.07 -3.95
C ILE A 308 5.09 16.54 -2.57
N TYR A 309 6.40 16.32 -2.34
CA TYR A 309 6.85 15.82 -1.05
C TYR A 309 6.39 16.74 0.08
N GLN A 310 6.53 18.07 -0.10
CA GLN A 310 6.17 19.04 0.92
C GLN A 310 4.67 19.29 1.02
N ARG A 311 3.87 18.61 0.18
CA ARG A 311 2.40 18.72 0.20
C ARG A 311 1.95 20.15 -0.12
N LYS A 312 2.65 20.79 -1.06
CA LYS A 312 2.33 22.17 -1.41
C LYS A 312 1.51 22.28 -2.70
N VAL A 313 1.36 21.19 -3.44
CA VAL A 313 0.56 21.17 -4.66
C VAL A 313 -0.93 21.05 -4.27
N GLU A 314 -1.77 21.85 -4.89
CA GLU A 314 -3.21 21.69 -4.68
C GLU A 314 -3.70 20.39 -5.31
N ALA A 315 -4.41 19.57 -4.53
CA ALA A 315 -4.81 18.26 -5.03
C ALA A 315 -5.94 18.41 -6.04
N PRO A 316 -6.12 17.42 -6.89
CA PRO A 316 -7.21 17.51 -7.88
C PRO A 316 -8.56 17.25 -7.27
N PHE A 317 -8.60 16.62 -6.10
CA PHE A 317 -9.87 16.18 -5.60
C PHE A 317 -9.78 16.17 -4.08
N ILE A 318 -10.69 16.84 -3.41
CA ILE A 318 -10.74 16.89 -1.96
C ILE A 318 -11.94 16.04 -1.54
N PRO A 319 -11.75 14.95 -0.80
CA PRO A 319 -12.90 14.09 -0.46
C PRO A 319 -13.90 14.85 0.42
N LYS A 320 -15.16 14.48 0.28
CA LYS A 320 -16.22 15.09 1.07
C LYS A 320 -16.47 14.23 2.30
N PHE A 321 -16.37 14.85 3.47
CA PHE A 321 -16.60 14.13 4.72
C PHE A 321 -16.86 15.18 5.78
N LYS A 322 -17.54 14.77 6.86
CA LYS A 322 -18.05 15.73 7.85
C LYS A 322 -17.08 15.96 9.02
N GLY A 323 -16.14 15.04 9.23
CA GLY A 323 -15.26 15.15 10.38
C GLY A 323 -14.49 13.89 10.54
N PRO A 324 -13.62 13.83 11.57
CA PRO A 324 -12.71 12.70 11.71
C PRO A 324 -13.41 11.42 12.08
N GLY A 325 -14.67 11.45 12.49
CA GLY A 325 -15.37 10.22 12.74
C GLY A 325 -16.30 9.82 11.61
N ASP A 326 -16.34 10.55 10.49
CA ASP A 326 -17.27 10.22 9.43
C ASP A 326 -16.76 9.01 8.67
N THR A 327 -17.65 8.01 8.48
CA THR A 327 -17.34 6.77 7.76
C THR A 327 -18.04 6.69 6.41
N SER A 328 -18.63 7.79 5.94
N SER A 328 -18.64 7.79 5.92
CA SER A 328 -19.43 7.76 4.73
CA SER A 328 -19.44 7.72 4.71
C SER A 328 -18.66 7.31 3.49
C SER A 328 -18.66 7.38 3.46
N ASN A 329 -17.34 7.49 3.47
CA ASN A 329 -16.55 7.12 2.29
C ASN A 329 -16.13 5.68 2.31
N PHE A 330 -16.52 4.93 3.34
CA PHE A 330 -16.23 3.51 3.41
C PHE A 330 -17.56 2.77 3.37
N ASP A 331 -17.52 1.51 2.99
N ASP A 331 -17.45 1.48 3.05
CA ASP A 331 -18.81 0.85 2.84
CA ASP A 331 -18.56 0.58 2.78
C ASP A 331 -19.15 -0.01 4.04
C ASP A 331 -19.16 0.03 4.08
N ASP A 332 -20.33 -0.61 3.99
CA ASP A 332 -20.97 -1.26 5.13
C ASP A 332 -20.74 -2.75 5.11
N TYR A 333 -20.33 -3.28 6.26
CA TYR A 333 -20.02 -4.70 6.42
C TYR A 333 -20.83 -5.23 7.59
N GLU A 334 -21.13 -6.52 7.55
CA GLU A 334 -21.73 -7.16 8.73
C GLU A 334 -20.87 -6.94 9.97
N GLU A 335 -21.52 -6.53 11.06
CA GLU A 335 -20.82 -6.20 12.29
C GLU A 335 -20.70 -7.46 13.14
N GLU A 336 -19.47 -7.95 13.30
CA GLU A 336 -19.20 -9.17 14.08
C GLU A 336 -18.41 -8.82 15.33
N GLU A 337 -18.54 -9.59 16.39
CA GLU A 337 -17.83 -9.13 17.57
C GLU A 337 -16.37 -9.57 17.59
N ILE A 338 -15.59 -8.94 18.47
CA ILE A 338 -14.18 -9.23 18.64
C ILE A 338 -14.03 -9.90 19.98
N ARG A 339 -13.79 -11.21 19.97
CA ARG A 339 -13.68 -11.99 21.20
C ARG A 339 -12.22 -12.20 21.58
N VAL A 340 -11.99 -12.24 22.88
CA VAL A 340 -10.67 -12.47 23.43
C VAL A 340 -10.77 -13.65 24.39
N SEP A 341 -10.08 -14.73 24.06
CA SEP A 341 -10.16 -15.96 24.85
CB SEP A 341 -9.39 -17.05 24.09
OG SEP A 341 -9.34 -18.27 24.84
C SEP A 341 -9.58 -15.77 26.24
O SEP A 341 -8.71 -14.90 26.45
P SEP A 341 -10.65 -19.22 24.86
O1P SEP A 341 -10.05 -20.66 25.19
O2P SEP A 341 -11.65 -18.63 25.97
O3P SEP A 341 -11.30 -19.22 23.41
N ILE A 342 -10.03 -16.58 27.19
CA ILE A 342 -9.40 -16.61 28.50
C ILE A 342 -8.11 -17.41 28.50
N ASN A 343 -7.82 -18.15 27.43
CA ASN A 343 -6.58 -18.89 27.29
C ASN A 343 -5.73 -18.28 26.17
N GLU A 344 -4.42 -18.23 26.38
CA GLU A 344 -3.53 -17.67 25.37
C GLU A 344 -3.39 -18.60 24.18
N LYS A 345 -3.53 -18.04 22.96
CA LYS A 345 -3.37 -18.84 21.75
C LYS A 345 -2.12 -18.40 21.01
N CYS A 346 -1.34 -19.37 20.54
CA CYS A 346 -0.21 -19.11 19.63
C CYS A 346 0.78 -18.11 20.23
N GLY A 347 1.01 -18.20 21.54
CA GLY A 347 1.93 -17.26 22.17
C GLY A 347 3.32 -17.31 21.58
N LYS A 348 3.85 -18.54 21.42
CA LYS A 348 5.20 -18.70 20.90
C LYS A 348 5.35 -18.05 19.53
N GLU A 349 4.41 -18.31 18.63
CA GLU A 349 4.56 -17.83 17.25
C GLU A 349 4.65 -16.30 17.18
N PHE A 350 3.98 -15.60 18.07
CA PHE A 350 3.91 -14.15 18.02
C PHE A 350 4.68 -13.45 19.15
N THR A 351 5.67 -14.13 19.75
CA THR A 351 6.47 -13.55 20.82
C THR A 351 7.02 -12.18 20.47
N GLU A 352 7.53 -12.00 19.25
N GLU A 352 7.53 -12.00 19.25
CA GLU A 352 8.17 -10.72 18.96
CA GLU A 352 8.17 -10.72 18.93
C GLU A 352 7.18 -9.59 18.72
C GLU A 352 7.19 -9.62 18.56
N PHE A 353 5.89 -9.89 18.49
CA PHE A 353 4.95 -8.84 18.10
C PHE A 353 4.72 -7.92 19.29
S DMS B . -2.01 -15.02 -5.69
O DMS B . -3.17 -14.05 -5.71
C1 DMS B . -0.53 -13.99 -5.66
C2 DMS B . -1.87 -15.61 -3.99
S DMS C . 10.81 -9.83 10.84
O DMS C . 10.89 -9.56 12.31
C1 DMS C . 12.33 -10.71 10.39
C2 DMS C . 9.74 -11.27 10.62
S DMS D . 0.52 -19.03 -10.06
O DMS D . -0.07 -17.69 -9.75
C1 DMS D . -0.54 -20.27 -9.29
C2 DMS D . 0.11 -19.41 -11.78
S DMS E . 1.81 -18.57 -16.77
O DMS E . 0.64 -18.09 -17.64
C1 DMS E . 2.87 -19.77 -17.64
C2 DMS E . 1.18 -19.60 -15.42
C01 A1JEM F . -20.45 -2.46 21.54
C02 A1JEM F . -19.23 -1.61 21.61
C03 A1JEM F . -17.03 -1.69 22.64
C04 A1JEM F . -14.82 -1.97 23.73
C05 A1JEM F . -13.67 -3.03 23.79
C06 A1JEM F . -13.87 -4.21 24.78
C07 A1JEM F . -14.68 -5.90 23.22
C08 A1JEM F . -14.19 -4.97 22.16
C09 A1JEM F . -13.57 -4.04 20.24
C10 A1JEM F . -13.30 -3.08 21.17
C11 A1JEM F . -12.76 -1.88 20.90
C12 A1JEM F . -12.48 -1.64 19.60
C13 A1JEM F . -12.74 -2.60 18.65
C14 A1JEM F . -13.27 -3.80 18.93
F01 A1JEM F . -12.45 -2.25 17.37
N01 A1JEM F . -18.16 -2.36 22.26
N02 A1JEM F . -16.09 -2.49 23.22
N03 A1JEM F . -14.09 -5.21 20.83
N04 A1JEM F . -13.63 -3.63 22.47
O01 A1JEM F . -16.84 -0.49 22.44
O02 A1JEM F . -14.96 -5.08 24.39
C02 A1JEM G . -9.92 -4.62 -0.26
C03 A1JEM G . -8.69 -3.15 1.27
C04 A1JEM G . -7.19 -1.78 2.71
C05 A1JEM G . -7.49 -2.37 4.13
C06 A1JEM G . -6.34 -3.28 4.63
C07 A1JEM G . -5.05 -1.69 5.93
C08 A1JEM G . -6.30 -0.91 5.92
C09 A1JEM G . -7.91 0.59 6.31
C10 A1JEM G . -8.48 -0.25 5.41
C11 A1JEM G . -9.73 -0.08 4.92
C12 A1JEM G . -10.37 0.95 5.43
C13 A1JEM G . -9.82 1.80 6.33
C14 A1JEM G . -8.59 1.66 6.82
F01 A1JEM G . -10.61 2.79 6.78
N01 A1JEM G . -8.69 -4.11 0.29
N02 A1JEM G . -7.41 -2.79 1.66
N03 A1JEM G . -6.63 0.20 6.63
N04 A1JEM G . -7.49 -1.26 5.05
O01 A1JEM G . -9.71 -2.65 1.73
O02 A1JEM G . -5.11 -2.54 4.79
C02 A1JEM H . 14.04 17.61 4.28
C03 A1JEM H . 14.57 17.59 1.89
C04 A1JEM H . 13.66 15.64 0.67
C05 A1JEM H . 12.30 15.59 -0.06
C06 A1JEM H . 11.99 16.92 -0.79
C07 A1JEM H . 12.48 16.22 -3.10
C08 A1JEM H . 12.49 14.84 -2.57
C09 A1JEM H . 12.55 12.63 -2.29
C10 A1JEM H . 12.45 13.11 -1.04
C11 A1JEM H . 12.37 12.33 0.02
C12 A1JEM H . 12.44 11.01 -0.20
C13 A1JEM H . 12.55 10.51 -1.43
C14 A1JEM H . 12.60 11.31 -2.51
F01 A1JEM H . 12.58 9.18 -1.51
N01 A1JEM H . 13.96 17.00 2.97
N02 A1JEM H . 14.40 16.89 0.71
N03 A1JEM H . 12.57 13.64 -3.22
N04 A1JEM H . 12.39 14.56 -1.08
O01 A1JEM H . 15.20 18.63 1.96
O02 A1JEM H . 12.74 17.11 -1.99
#